data_5JF2
#
_entry.id   5JF2
#
_cell.length_a   41.300
_cell.length_b   65.540
_cell.length_c   88.890
_cell.angle_alpha   90.00
_cell.angle_beta   90.00
_cell.angle_gamma   90.00
#
_symmetry.space_group_name_H-M   'P 21 21 21'
#
loop_
_entity.id
_entity.type
_entity.pdbx_description
1 polymer 'Peptide deformylase'
2 non-polymer (3R)-3-{3-[(4-fluorophenyl)methyl]-1,2,4-oxadiazol-5-yl}-N-hydroxyheptanamide
3 non-polymer 'ACETATE ION'
4 non-polymer IMIDAZOLE
5 non-polymer 'ZINC ION'
6 water water
#
_entity_poly.entity_id   1
_entity_poly.type   'polypeptide(L)'
_entity_poly.pdbx_seq_one_letter_code
;MAAIDKLVKASHLIDMNDIIREGNPTLRKVAEEVTFPLSEKEEILGEKMMQFLKHSQDPIMAEKLGLRGGVGLAAPQLDI
SKRIIAVLVPNVEDAQGNPPKEAYSLQEVMYNPKVVSHSVQDAALSDGEG(OCS)LSVDREVPGYVVRHARVTIEYFDKT
GEKHRLKLKGYNSIVVQHEIDHIDGIMFYDRINEKNPFAVKEGLLILE
;
_entity_poly.pdbx_strand_id   A
#
# COMPACT_ATOMS: atom_id res chain seq x y z
N ALA A 2 -1.72 -19.81 -13.71
CA ALA A 2 -1.89 -18.37 -13.98
C ALA A 2 -0.79 -17.60 -13.22
N ALA A 3 -1.00 -16.31 -13.09
CA ALA A 3 0.00 -15.46 -12.43
C ALA A 3 0.14 -15.81 -10.94
N ILE A 4 -0.98 -16.20 -10.30
CA ILE A 4 -0.85 -16.45 -8.87
C ILE A 4 0.01 -17.72 -8.59
N ASP A 5 -0.05 -18.73 -9.48
CA ASP A 5 0.72 -19.99 -9.31
C ASP A 5 2.23 -19.70 -9.35
N LYS A 6 2.64 -18.85 -10.27
CA LYS A 6 4.06 -18.46 -10.36
C LYS A 6 4.51 -17.72 -9.08
N LEU A 7 3.64 -16.83 -8.58
CA LEU A 7 3.96 -16.00 -7.42
C LEU A 7 4.08 -16.83 -6.11
N VAL A 8 3.26 -17.90 -5.98
CA VAL A 8 3.27 -18.60 -4.68
C VAL A 8 4.25 -19.81 -4.66
N LYS A 9 4.96 -20.08 -5.79
CA LYS A 9 6.02 -21.13 -5.80
C LYS A 9 6.93 -20.85 -4.59
N ALA A 10 7.23 -21.89 -3.83
CA ALA A 10 8.01 -21.74 -2.57
C ALA A 10 9.34 -20.96 -2.73
N SER A 11 10.06 -21.15 -3.84
CA SER A 11 11.35 -20.48 -4.02
C SER A 11 11.23 -19.13 -4.77
N HIS A 12 10.04 -18.77 -5.16
CA HIS A 12 9.88 -17.51 -5.91
C HIS A 12 9.82 -16.29 -4.96
N LEU A 13 10.63 -15.30 -5.28
CA LEU A 13 10.62 -14.00 -4.57
C LEU A 13 10.05 -12.94 -5.51
N ILE A 14 9.09 -12.20 -5.00
CA ILE A 14 8.49 -11.14 -5.83
C ILE A 14 9.53 -10.04 -6.05
N ASP A 15 9.62 -9.56 -7.28
CA ASP A 15 10.52 -8.44 -7.62
C ASP A 15 9.79 -7.55 -8.63
N MET A 16 10.48 -6.54 -9.13
CA MET A 16 9.88 -5.54 -10.02
C MET A 16 9.28 -6.16 -11.28
N ASN A 17 9.78 -7.32 -11.69
CA ASN A 17 9.29 -7.88 -12.95
C ASN A 17 7.91 -8.55 -12.76
N ASP A 18 7.46 -8.65 -11.52
CA ASP A 18 6.13 -9.23 -11.24
C ASP A 18 5.07 -8.14 -11.11
N ILE A 19 5.55 -6.90 -11.11
CA ILE A 19 4.64 -5.75 -10.91
C ILE A 19 4.24 -5.18 -12.27
N ILE A 20 2.89 -5.16 -12.46
CA ILE A 20 2.35 -4.66 -13.74
C ILE A 20 2.42 -3.12 -13.75
N ARG A 21 2.29 -2.62 -14.94
CA ARG A 21 2.50 -1.19 -15.22
C ARG A 21 1.23 -0.45 -15.63
N GLU A 22 1.27 0.80 -15.30
CA GLU A 22 0.26 1.76 -15.70
C GLU A 22 -0.21 1.40 -17.11
N GLY A 23 -1.53 1.34 -17.29
CA GLY A 23 -2.06 1.01 -18.62
C GLY A 23 -2.64 -0.41 -18.62
N ASN A 24 -2.09 -1.30 -17.78
CA ASN A 24 -2.60 -2.67 -17.65
C ASN A 24 -4.01 -2.58 -17.06
N PRO A 25 -5.06 -3.11 -17.75
CA PRO A 25 -6.42 -2.98 -17.27
C PRO A 25 -6.67 -3.52 -15.88
N THR A 26 -5.88 -4.44 -15.38
CA THR A 26 -6.18 -4.98 -14.05
C THR A 26 -6.08 -3.89 -12.95
N LEU A 27 -5.32 -2.84 -13.21
CA LEU A 27 -5.11 -1.75 -12.23
C LEU A 27 -6.36 -0.86 -12.08
N ARG A 28 -7.30 -1.01 -13.03
CA ARG A 28 -8.49 -0.14 -13.06
C ARG A 28 -9.78 -0.93 -12.70
N LYS A 29 -9.66 -2.15 -12.32
CA LYS A 29 -10.81 -2.98 -11.94
C LYS A 29 -11.12 -2.84 -10.46
N VAL A 30 -12.35 -3.22 -10.11
CA VAL A 30 -12.65 -3.39 -8.69
C VAL A 30 -12.36 -4.83 -8.34
N ALA A 31 -11.39 -4.99 -7.56
CA ALA A 31 -10.91 -6.31 -7.12
C ALA A 31 -12.01 -7.05 -6.35
N GLU A 32 -11.92 -8.37 -6.50
CA GLU A 32 -12.87 -9.32 -5.90
C GLU A 32 -12.51 -9.59 -4.43
N GLU A 33 -13.54 -9.58 -3.61
CA GLU A 33 -13.39 -9.89 -2.19
C GLU A 33 -12.91 -11.32 -2.07
N VAL A 34 -12.16 -11.56 -0.98
CA VAL A 34 -11.75 -12.94 -0.70
C VAL A 34 -12.74 -13.55 0.27
N THR A 35 -12.84 -14.85 0.20
CA THR A 35 -13.74 -15.58 1.08
C THR A 35 -12.88 -16.34 2.10
N PHE A 36 -13.43 -16.52 3.29
CA PHE A 36 -12.74 -17.26 4.34
C PHE A 36 -13.45 -18.60 4.58
N PRO A 37 -12.71 -19.66 4.89
CA PRO A 37 -11.26 -19.66 5.11
C PRO A 37 -10.46 -19.45 3.82
N LEU A 38 -9.34 -18.75 3.92
CA LEU A 38 -8.49 -18.45 2.77
C LEU A 38 -7.92 -19.71 2.15
N SER A 39 -7.78 -19.69 0.84
CA SER A 39 -7.08 -20.77 0.16
C SER A 39 -5.59 -20.63 0.49
N GLU A 40 -4.85 -21.72 0.33
CA GLU A 40 -3.42 -21.66 0.64
C GLU A 40 -2.71 -20.64 -0.28
N LYS A 41 -3.14 -20.58 -1.52
CA LYS A 41 -2.57 -19.61 -2.48
C LYS A 41 -2.72 -18.17 -1.98
N GLU A 42 -3.90 -17.86 -1.43
CA GLU A 42 -4.20 -16.49 -0.97
C GLU A 42 -3.39 -16.15 0.29
N GLU A 43 -3.17 -17.15 1.10
CA GLU A 43 -2.40 -16.98 2.34
C GLU A 43 -0.90 -16.76 2.03
N ILE A 44 -0.38 -17.59 1.09
CA ILE A 44 1.04 -17.48 0.73
C ILE A 44 1.27 -16.16 -0.04
N LEU A 45 0.28 -15.78 -0.88
CA LEU A 45 0.41 -14.52 -1.65
C LEU A 45 0.59 -13.33 -0.68
N GLY A 46 -0.22 -13.30 0.35
CA GLY A 46 -0.13 -12.24 1.36
C GLY A 46 1.28 -12.21 1.98
N GLU A 47 1.80 -13.36 2.23
CA GLU A 47 3.12 -13.50 2.87
C GLU A 47 4.24 -13.11 1.91
N LYS A 48 4.08 -13.44 0.66
CA LYS A 48 5.11 -13.06 -0.32
C LYS A 48 5.11 -11.54 -0.51
N MET A 49 3.90 -10.96 -0.42
CA MET A 49 3.75 -9.50 -0.57
C MET A 49 4.46 -8.79 0.60
N MET A 50 4.26 -9.30 1.81
CA MET A 50 4.93 -8.70 2.98
C MET A 50 6.46 -8.92 2.90
N GLN A 51 6.87 -10.07 2.34
CA GLN A 51 8.31 -10.36 2.20
C GLN A 51 8.93 -9.37 1.21
N PHE A 52 8.17 -9.02 0.19
CA PHE A 52 8.61 -8.06 -0.83
C PHE A 52 8.86 -6.67 -0.20
N LEU A 53 7.98 -6.28 0.74
CA LEU A 53 8.13 -4.97 1.41
C LEU A 53 9.35 -5.00 2.35
N LYS A 54 9.55 -6.11 3.06
CA LYS A 54 10.71 -6.23 3.96
C LYS A 54 12.02 -6.14 3.14
N HIS A 55 12.05 -6.81 1.98
CA HIS A 55 13.22 -6.84 1.07
C HIS A 55 13.50 -5.46 0.45
N SER A 56 12.41 -4.80 0.08
CA SER A 56 12.51 -3.49 -0.56
C SER A 56 13.05 -2.44 0.43
N GLN A 57 12.86 -2.70 1.72
CA GLN A 57 13.32 -1.75 2.76
C GLN A 57 14.70 -2.12 3.32
N ASP A 58 15.19 -3.28 2.93
CA ASP A 58 16.53 -3.78 3.38
C ASP A 58 17.54 -3.41 2.30
N PRO A 59 18.58 -2.59 2.61
CA PRO A 59 19.47 -2.08 1.57
C PRO A 59 20.17 -3.16 0.78
N ILE A 60 20.53 -4.31 1.36
CA ILE A 60 21.21 -5.38 0.61
C ILE A 60 20.23 -6.15 -0.29
N MET A 61 19.11 -6.61 0.28
CA MET A 61 18.15 -7.41 -0.52
C MET A 61 17.58 -6.56 -1.69
N ALA A 62 17.30 -5.31 -1.45
CA ALA A 62 16.77 -4.41 -2.50
C ALA A 62 17.77 -4.33 -3.65
N GLU A 63 19.03 -4.24 -3.21
CA GLU A 63 20.16 -4.17 -4.15
C GLU A 63 20.24 -5.49 -4.94
N LYS A 64 20.21 -6.59 -4.23
CA LYS A 64 20.26 -7.92 -4.85
C LYS A 64 19.12 -8.14 -5.86
N LEU A 65 17.91 -7.77 -5.45
CA LEU A 65 16.71 -8.06 -6.26
C LEU A 65 16.31 -6.89 -7.19
N GLY A 66 16.96 -5.73 -7.06
CA GLY A 66 16.73 -4.52 -7.91
C GLY A 66 15.37 -3.86 -7.56
N LEU A 67 15.14 -3.67 -6.30
CA LEU A 67 13.86 -3.16 -5.75
C LEU A 67 13.92 -1.67 -5.34
N ARG A 68 12.82 -0.96 -5.61
CA ARG A 68 12.58 0.39 -5.08
C ARG A 68 11.99 0.29 -3.68
N GLY A 69 12.52 1.07 -2.73
CA GLY A 69 11.96 1.06 -1.35
C GLY A 69 10.46 1.36 -1.45
N GLY A 70 9.69 0.75 -0.59
CA GLY A 70 8.25 0.94 -0.59
C GLY A 70 7.67 0.57 0.75
N VAL A 71 6.53 1.07 0.94
CA VAL A 71 5.81 0.88 2.20
C VAL A 71 4.42 0.20 1.99
N GLY A 72 4.03 -0.19 0.81
CA GLY A 72 2.73 -0.85 0.60
C GLY A 72 2.70 -1.51 -0.79
N LEU A 73 1.84 -2.45 -0.97
CA LEU A 73 1.61 -3.22 -2.20
C LEU A 73 0.22 -3.80 -2.14
N ALA A 74 -0.42 -3.81 -3.22
CA ALA A 74 -1.76 -4.37 -3.36
C ALA A 74 -1.70 -5.46 -4.41
N ALA A 75 -2.52 -6.44 -4.24
CA ALA A 75 -2.50 -7.63 -5.11
C ALA A 75 -2.73 -7.22 -6.59
N PRO A 76 -3.69 -6.31 -6.96
CA PRO A 76 -3.84 -5.94 -8.36
C PRO A 76 -2.51 -5.46 -8.99
N GLN A 77 -1.55 -4.98 -8.21
CA GLN A 77 -0.27 -4.54 -8.79
C GLN A 77 0.56 -5.74 -9.28
N LEU A 78 0.17 -6.94 -8.82
CA LEU A 78 0.81 -8.20 -9.23
C LEU A 78 -0.06 -8.97 -10.23
N ASP A 79 -1.02 -8.26 -10.79
CA ASP A 79 -1.97 -8.79 -11.77
C ASP A 79 -2.97 -9.80 -11.14
N ILE A 80 -3.20 -9.66 -9.85
CA ILE A 80 -4.16 -10.51 -9.08
C ILE A 80 -5.30 -9.62 -8.58
N SER A 81 -6.49 -9.78 -9.17
CA SER A 81 -7.62 -8.88 -8.83
C SER A 81 -8.38 -9.37 -7.59
N LYS A 82 -7.68 -9.31 -6.47
CA LYS A 82 -8.24 -9.69 -5.16
C LYS A 82 -7.99 -8.56 -4.17
N ARG A 83 -8.87 -8.46 -3.19
CA ARG A 83 -8.78 -7.42 -2.17
C ARG A 83 -7.80 -7.86 -1.07
N ILE A 84 -6.54 -7.76 -1.40
CA ILE A 84 -5.44 -8.09 -0.51
C ILE A 84 -4.36 -7.01 -0.63
N ILE A 85 -3.97 -6.48 0.50
CA ILE A 85 -2.89 -5.48 0.54
C ILE A 85 -1.96 -5.78 1.73
N ALA A 86 -0.81 -5.28 1.64
CA ALA A 86 0.21 -5.37 2.69
C ALA A 86 0.79 -3.98 2.89
N VAL A 87 0.98 -3.63 4.13
CA VAL A 87 1.57 -2.34 4.49
C VAL A 87 2.64 -2.57 5.53
N LEU A 88 3.70 -1.85 5.35
CA LEU A 88 4.87 -1.93 6.22
C LEU A 88 5.51 -0.55 6.33
N VAL A 89 5.21 0.14 7.42
CA VAL A 89 5.73 1.51 7.63
C VAL A 89 6.70 1.50 8.82
N PRO A 90 8.01 1.62 8.55
CA PRO A 90 9.04 1.61 9.58
C PRO A 90 9.07 2.85 10.43
N ASN A 91 9.43 2.66 11.70
CA ASN A 91 9.78 3.80 12.56
C ASN A 91 11.22 4.11 12.27
N VAL A 92 11.69 5.23 12.72
CA VAL A 92 13.04 5.65 12.35
C VAL A 92 13.93 5.84 13.61
N GLU A 93 15.23 5.62 13.42
CA GLU A 93 16.24 5.79 14.48
C GLU A 93 16.24 7.22 15.01
N ASP A 94 16.74 7.41 16.24
CA ASP A 94 16.84 8.79 16.74
C ASP A 94 18.20 9.37 16.27
N ALA A 95 18.50 10.60 16.64
CA ALA A 95 19.72 11.27 16.14
C ALA A 95 21.01 10.63 16.74
N GLN A 96 20.88 9.80 17.78
CA GLN A 96 22.05 9.14 18.38
C GLN A 96 22.30 7.76 17.73
N GLY A 97 21.38 7.36 16.87
CA GLY A 97 21.50 6.10 16.13
C GLY A 97 20.81 4.92 16.87
N ASN A 98 20.02 5.23 17.87
CA ASN A 98 19.31 4.16 18.59
C ASN A 98 18.07 3.72 17.83
N PRO A 99 17.88 2.42 17.56
CA PRO A 99 16.69 1.97 16.89
C PRO A 99 15.46 2.37 17.68
N PRO A 100 14.27 2.47 17.02
CA PRO A 100 13.04 2.85 17.70
C PRO A 100 12.58 1.74 18.64
N LYS A 101 11.71 2.10 19.64
CA LYS A 101 11.05 1.12 20.54
C LYS A 101 10.36 0.03 19.72
N GLU A 102 9.56 0.50 18.78
CA GLU A 102 8.81 -0.31 17.80
C GLU A 102 9.47 -0.23 16.44
N ALA A 103 9.75 -1.36 15.84
CA ALA A 103 10.40 -1.36 14.53
C ALA A 103 9.46 -0.74 13.46
N TYR A 104 8.15 -1.00 13.57
CA TYR A 104 7.17 -0.50 12.60
C TYR A 104 5.97 0.16 13.29
N SER A 105 5.47 1.25 12.67
CA SER A 105 4.26 1.88 13.21
C SER A 105 3.00 1.18 12.62
N LEU A 106 3.21 0.34 11.61
CA LEU A 106 2.16 -0.46 10.96
C LEU A 106 2.80 -1.56 10.15
N GLN A 107 2.35 -2.71 10.41
CA GLN A 107 2.78 -3.93 9.74
C GLN A 107 1.61 -4.89 9.70
N GLU A 108 1.02 -5.01 8.51
CA GLU A 108 -0.14 -5.89 8.34
C GLU A 108 -0.39 -6.33 6.92
N VAL A 109 -0.88 -7.55 6.80
CA VAL A 109 -1.47 -8.03 5.55
C VAL A 109 -2.97 -8.01 5.78
N MET A 110 -3.64 -7.18 5.03
CA MET A 110 -5.09 -6.97 5.19
C MET A 110 -5.90 -7.55 4.03
N TYR A 111 -6.89 -8.32 4.39
CA TYR A 111 -7.85 -8.90 3.44
C TYR A 111 -9.18 -8.14 3.57
N ASN A 112 -9.74 -7.83 2.41
CA ASN A 112 -11.00 -7.08 2.24
C ASN A 112 -10.99 -5.82 3.11
N PRO A 113 -9.93 -4.96 3.08
CA PRO A 113 -9.91 -3.76 3.88
C PRO A 113 -10.86 -2.74 3.32
N LYS A 114 -11.38 -1.84 4.12
CA LYS A 114 -12.18 -0.71 3.58
C LYS A 114 -12.24 0.41 4.64
N VAL A 115 -12.46 1.64 4.18
CA VAL A 115 -12.66 2.78 5.09
C VAL A 115 -14.11 2.80 5.48
N VAL A 116 -14.39 2.78 6.79
CA VAL A 116 -15.82 2.79 7.14
C VAL A 116 -16.23 4.21 7.63
N SER A 117 -15.27 5.07 7.96
CA SER A 117 -15.53 6.48 8.31
C SER A 117 -14.20 7.25 8.23
N HIS A 118 -14.30 8.55 8.22
CA HIS A 118 -13.11 9.40 8.07
C HIS A 118 -13.42 10.82 8.54
N SER A 119 -12.36 11.58 8.70
CA SER A 119 -12.43 12.98 9.10
C SER A 119 -12.91 13.84 7.93
N VAL A 120 -13.51 14.97 8.28
CA VAL A 120 -13.90 15.91 7.24
C VAL A 120 -12.61 16.51 6.66
N GLN A 121 -11.64 16.71 7.54
CA GLN A 121 -10.34 17.28 7.16
C GLN A 121 -9.59 16.35 6.18
N ASP A 122 -8.94 16.97 5.22
CA ASP A 122 -8.12 16.31 4.20
C ASP A 122 -6.63 16.52 4.55
N ALA A 123 -5.78 15.68 4.04
CA ALA A 123 -4.32 15.71 4.24
C ALA A 123 -3.63 15.28 2.97
N ALA A 124 -2.39 15.58 2.86
CA ALA A 124 -1.58 15.17 1.71
C ALA A 124 -0.11 15.23 2.09
N LEU A 125 0.66 14.28 1.57
CA LEU A 125 2.11 14.30 1.80
C LEU A 125 2.72 15.48 1.06
N SER A 126 3.61 16.17 1.72
CA SER A 126 4.28 17.34 1.15
C SER A 126 5.10 16.96 -0.10
N ASP A 127 5.62 15.75 -0.07
CA ASP A 127 6.52 15.29 -1.13
C ASP A 127 5.76 14.56 -2.26
N GLY A 128 4.44 14.53 -2.17
CA GLY A 128 3.61 13.83 -3.18
C GLY A 128 3.67 12.33 -2.92
N GLU A 129 3.28 11.56 -3.91
CA GLU A 129 3.29 10.09 -3.79
C GLU A 129 3.89 9.47 -5.05
N GLY A 130 4.43 8.29 -4.89
CA GLY A 130 4.98 7.53 -6.00
C GLY A 130 4.25 6.20 -6.06
N LEU A 132 4.85 1.97 -7.51
CA LEU A 132 5.68 0.95 -8.15
C LEU A 132 5.24 0.70 -9.62
N SER A 133 3.96 0.91 -9.94
CA SER A 133 3.44 0.63 -11.28
C SER A 133 3.55 1.84 -12.24
N VAL A 134 4.04 2.97 -11.74
CA VAL A 134 4.14 4.20 -12.56
C VAL A 134 5.60 4.67 -12.66
N ASP A 135 6.09 4.66 -13.88
CA ASP A 135 7.48 5.04 -14.18
C ASP A 135 7.48 6.40 -14.89
N ARG A 136 6.85 7.38 -14.28
CA ARG A 136 6.83 8.80 -14.65
C ARG A 136 6.95 9.63 -13.38
N GLU A 137 7.30 10.79 -13.51
CA GLU A 137 7.35 11.80 -12.47
C GLU A 137 5.94 12.37 -12.43
N VAL A 138 5.39 12.39 -11.29
CA VAL A 138 4.05 12.92 -11.12
C VAL A 138 4.03 13.85 -9.94
N PRO A 139 4.11 15.15 -10.20
CA PRO A 139 4.15 16.15 -9.16
C PRO A 139 2.78 16.42 -8.56
N GLY A 140 2.73 16.86 -7.30
CA GLY A 140 1.43 17.32 -6.77
C GLY A 140 1.02 16.70 -5.47
N TYR A 141 0.07 17.37 -4.86
CA TYR A 141 -0.51 16.91 -3.61
C TYR A 141 -1.64 15.92 -3.90
N VAL A 142 -1.48 14.73 -3.38
CA VAL A 142 -2.51 13.69 -3.50
C VAL A 142 -3.38 13.84 -2.27
N VAL A 143 -4.53 14.45 -2.50
CA VAL A 143 -5.48 14.77 -1.43
C VAL A 143 -6.28 13.56 -0.97
N ARG A 144 -6.06 13.21 0.27
CA ARG A 144 -6.72 12.06 0.91
C ARG A 144 -7.41 12.52 2.21
N HIS A 145 -8.05 11.59 2.91
CA HIS A 145 -8.67 11.90 4.21
C HIS A 145 -7.54 12.00 5.20
N ALA A 146 -7.66 12.92 6.13
CA ALA A 146 -6.60 13.07 7.14
C ALA A 146 -6.58 11.85 8.06
N ARG A 147 -7.73 11.51 8.58
CA ARG A 147 -7.89 10.38 9.50
C ARG A 147 -8.96 9.43 8.97
N VAL A 148 -8.78 8.16 9.21
CA VAL A 148 -9.77 7.16 8.79
C VAL A 148 -9.92 6.07 9.84
N THR A 149 -11.05 5.44 9.78
CA THR A 149 -11.32 4.24 10.58
C THR A 149 -11.50 3.17 9.53
N ILE A 150 -10.75 2.11 9.63
CA ILE A 150 -10.88 1.03 8.66
C ILE A 150 -11.25 -0.27 9.34
N GLU A 151 -11.69 -1.17 8.51
CA GLU A 151 -12.03 -2.54 8.88
C GLU A 151 -11.35 -3.45 7.88
N TYR A 152 -10.84 -4.55 8.37
CA TYR A 152 -10.18 -5.55 7.53
C TYR A 152 -10.14 -6.87 8.30
N PHE A 153 -9.75 -7.88 7.59
CA PHE A 153 -9.62 -9.23 8.14
C PHE A 153 -8.20 -9.70 7.95
N ASP A 154 -7.66 -10.45 8.92
CA ASP A 154 -6.31 -10.97 8.73
C ASP A 154 -6.45 -12.37 8.11
N LYS A 155 -5.30 -13.00 7.84
CA LYS A 155 -5.25 -14.30 7.16
C LYS A 155 -6.08 -15.38 7.91
N THR A 156 -6.37 -15.17 9.20
CA THR A 156 -7.14 -16.18 9.97
C THR A 156 -8.66 -15.94 9.85
N GLY A 157 -9.04 -14.78 9.33
CA GLY A 157 -10.46 -14.47 9.18
C GLY A 157 -10.95 -13.58 10.34
N GLU A 158 -10.06 -13.25 11.26
CA GLU A 158 -10.41 -12.37 12.39
C GLU A 158 -10.58 -10.94 11.88
N LYS A 159 -11.67 -10.32 12.28
CA LYS A 159 -11.99 -8.94 11.88
C LYS A 159 -11.32 -7.95 12.83
N HIS A 160 -10.80 -6.89 12.26
CA HIS A 160 -10.15 -5.81 13.03
C HIS A 160 -10.77 -4.46 12.63
N ARG A 161 -10.83 -3.57 13.58
CA ARG A 161 -11.33 -2.19 13.41
C ARG A 161 -10.21 -1.30 13.96
N LEU A 162 -9.82 -0.36 13.15
CA LEU A 162 -8.63 0.44 13.44
C LEU A 162 -8.74 1.88 12.95
N LYS A 163 -8.35 2.81 13.82
CA LYS A 163 -8.31 4.26 13.48
C LYS A 163 -6.85 4.59 13.13
N LEU A 164 -6.67 5.35 12.09
CA LEU A 164 -5.33 5.75 11.63
C LEU A 164 -5.29 7.23 11.28
N LYS A 165 -4.12 7.80 11.47
CA LYS A 165 -3.87 9.20 11.13
C LYS A 165 -2.43 9.31 10.60
N GLY A 166 -2.05 10.52 10.24
CA GLY A 166 -0.69 10.81 9.75
C GLY A 166 -0.36 9.98 8.49
N TYR A 167 0.90 9.59 8.43
CA TYR A 167 1.47 8.84 7.29
C TYR A 167 0.79 7.44 7.13
N ASN A 168 0.49 6.78 8.23
CA ASN A 168 -0.15 5.43 8.20
C ASN A 168 -1.52 5.50 7.49
N SER A 169 -2.24 6.57 7.74
CA SER A 169 -3.56 6.79 7.15
C SER A 169 -3.42 6.96 5.62
N ILE A 170 -2.41 7.71 5.22
CA ILE A 170 -2.15 7.97 3.80
C ILE A 170 -1.78 6.68 3.06
N VAL A 171 -0.91 5.89 3.66
CA VAL A 171 -0.43 4.65 3.03
C VAL A 171 -1.56 3.63 2.81
N VAL A 172 -2.37 3.38 3.81
CA VAL A 172 -3.46 2.40 3.68
C VAL A 172 -4.51 2.90 2.66
N GLN A 173 -4.79 4.19 2.69
CA GLN A 173 -5.75 4.74 1.74
C GLN A 173 -5.25 4.52 0.30
N HIS A 174 -3.96 4.71 0.13
CA HIS A 174 -3.31 4.54 -1.18
C HIS A 174 -3.49 3.08 -1.67
N GLU A 175 -3.25 2.10 -0.80
CA GLU A 175 -3.36 0.67 -1.17
C GLU A 175 -4.84 0.26 -1.40
N ILE A 176 -5.73 0.77 -0.57
CA ILE A 176 -7.16 0.42 -0.72
C ILE A 176 -7.67 0.98 -2.05
N ASP A 177 -7.11 2.10 -2.46
CA ASP A 177 -7.50 2.69 -3.74
C ASP A 177 -7.18 1.69 -4.87
N HIS A 178 -6.04 1.02 -4.75
CA HIS A 178 -5.61 0.05 -5.77
C HIS A 178 -6.63 -1.08 -5.95
N ILE A 179 -7.25 -1.53 -4.85
CA ILE A 179 -8.20 -2.64 -4.98
C ILE A 179 -9.58 -2.14 -5.42
N ASP A 180 -9.69 -0.82 -5.58
CA ASP A 180 -10.94 -0.21 -6.07
C ASP A 180 -10.73 0.35 -7.50
N GLY A 181 -9.50 0.18 -8.01
CA GLY A 181 -9.13 0.59 -9.39
C GLY A 181 -8.86 2.11 -9.50
N ILE A 182 -8.37 2.68 -8.42
CA ILE A 182 -8.06 4.12 -8.35
C ILE A 182 -6.53 4.28 -8.17
N MET A 183 -6.00 5.25 -8.88
CA MET A 183 -4.56 5.57 -8.88
C MET A 183 -4.35 6.90 -8.19
N PHE A 184 -3.22 7.04 -7.59
CA PHE A 184 -2.97 8.22 -6.79
C PHE A 184 -3.16 9.54 -7.57
N TYR A 185 -2.72 9.61 -8.82
CA TYR A 185 -2.83 10.90 -9.55
C TYR A 185 -4.32 11.28 -9.85
N ASP A 186 -5.24 10.35 -9.62
CA ASP A 186 -6.68 10.64 -9.78
C ASP A 186 -7.12 11.64 -8.70
N ARG A 187 -6.29 11.75 -7.64
CA ARG A 187 -6.62 12.62 -6.48
C ARG A 187 -5.77 13.91 -6.46
N ILE A 188 -5.05 14.16 -7.56
CA ILE A 188 -4.22 15.39 -7.72
C ILE A 188 -5.04 16.41 -8.57
N ASN A 189 -5.13 17.65 -8.07
CA ASN A 189 -5.86 18.74 -8.75
C ASN A 189 -5.44 18.75 -10.23
N GLU A 190 -6.40 18.84 -11.11
CA GLU A 190 -6.13 18.70 -12.56
C GLU A 190 -5.46 19.97 -13.17
N LYS A 191 -5.67 21.10 -12.57
CA LYS A 191 -5.25 22.41 -13.10
C LYS A 191 -4.01 22.98 -12.35
N ASN A 192 -3.92 22.79 -11.09
CA ASN A 192 -2.71 23.14 -10.33
C ASN A 192 -2.41 22.02 -9.36
N PRO A 193 -1.44 21.16 -9.68
CA PRO A 193 -1.13 20.05 -8.81
C PRO A 193 -0.82 20.46 -7.39
N PHE A 194 -0.41 21.72 -7.18
CA PHE A 194 -0.02 22.09 -5.80
C PHE A 194 -1.03 23.04 -5.15
N ALA A 195 -2.26 23.03 -5.63
CA ALA A 195 -3.31 23.85 -5.02
C ALA A 195 -3.57 23.37 -3.59
N VAL A 196 -3.85 24.30 -2.72
CA VAL A 196 -4.17 23.96 -1.34
C VAL A 196 -5.49 24.59 -0.93
N LYS A 197 -6.53 23.75 -0.83
CA LYS A 197 -7.80 24.25 -0.29
C LYS A 197 -7.57 24.45 1.19
N GLU A 198 -8.04 25.54 1.69
CA GLU A 198 -7.86 25.96 3.09
C GLU A 198 -8.26 24.84 4.07
N GLY A 199 -7.35 24.53 4.97
CA GLY A 199 -7.61 23.51 6.00
C GLY A 199 -6.90 22.19 5.67
N LEU A 200 -6.37 22.09 4.45
CA LEU A 200 -5.63 20.87 4.05
C LEU A 200 -4.41 20.69 4.96
N LEU A 201 -4.33 19.54 5.57
CA LEU A 201 -3.21 19.18 6.44
C LEU A 201 -2.05 18.66 5.57
N ILE A 202 -0.98 19.45 5.46
CA ILE A 202 0.17 19.00 4.65
C ILE A 202 1.18 18.32 5.59
N LEU A 203 1.39 17.05 5.32
CA LEU A 203 2.26 16.19 6.15
C LEU A 203 3.72 16.19 5.65
N GLU A 204 4.64 16.44 6.58
CA GLU A 204 6.09 16.46 6.28
C GLU A 204 6.65 15.03 6.29
#